data_6MD2
#
_entry.id   6MD2
#
_cell.length_a   92.877
_cell.length_b   62.095
_cell.length_c   119.185
_cell.angle_alpha   90.000
_cell.angle_beta   101.900
_cell.angle_gamma   90.000
#
_symmetry.space_group_name_H-M   'C 1 2 1'
#
loop_
_entity.id
_entity.type
_entity.pdbx_description
1 polymer 'Peroxisome proliferator-activated receptor gamma'
2 non-polymer 2-chloro-5-nitro-N-phenylbenzamide
3 non-polymer 'ARACHIDONIC ACID'
4 water water
#
_entity_poly.entity_id   1
_entity_poly.type   'polypeptide(L)'
_entity_poly.pdbx_seq_one_letter_code
;QLNPESADLRALAKHLYDSYIKSFPLTKAKARAILTGKTTDKSPFVIYDMNSLMMGEDKIKFKHITPLQEQSKEVAIRIF
QGCQFRSVEAVQEITEYAKSIPGFVNLDLNDQVTLLKYGVHEIIYTMLASLMNKDGVLISEGQGFMTREFLKSLRKPFGD
FMEPKFEFAVKFNALELDDSDLAIFIAVIILSGDRPGLLNVKPIEDIQDNLLQALELQLKLNHPESSQLFAKLLQKMTDL
RQIVTEHVQLLQVIKKTETDMSLHPLLQEIYKDLY
;
_entity_poly.pdbx_strand_id   A,B
#
loop_
_chem_comp.id
_chem_comp.type
_chem_comp.name
_chem_comp.formula
ACD non-polymer 'ARACHIDONIC ACID' 'C20 H32 O2'
GW9 non-polymer 2-chloro-5-nitro-N-phenylbenzamide 'C13 H9 Cl N2 O3'
#
# COMPACT_ATOMS: atom_id res chain seq x y z
N GLU A 5 -7.27 -6.84 -27.63
CA GLU A 5 -8.69 -6.98 -27.97
C GLU A 5 -9.58 -7.22 -26.72
N SER A 6 -10.64 -6.41 -26.61
CA SER A 6 -11.51 -6.52 -25.45
C SER A 6 -12.16 -7.89 -25.36
N ALA A 7 -12.47 -8.50 -26.51
CA ALA A 7 -13.12 -9.81 -26.50
C ALA A 7 -12.35 -10.82 -25.66
N ASP A 8 -11.01 -10.81 -25.76
CA ASP A 8 -10.19 -11.72 -24.97
C ASP A 8 -10.24 -11.37 -23.48
N LEU A 9 -10.35 -10.09 -23.14
CA LEU A 9 -10.44 -9.75 -21.72
C LEU A 9 -11.82 -10.11 -21.16
N ARG A 10 -12.88 -9.95 -21.96
CA ARG A 10 -14.21 -10.36 -21.51
C ARG A 10 -14.26 -11.87 -21.29
N ALA A 11 -13.54 -12.61 -22.11
CA ALA A 11 -13.49 -14.06 -21.95
C ALA A 11 -12.72 -14.43 -20.70
N LEU A 12 -11.64 -13.69 -20.40
CA LEU A 12 -10.90 -13.92 -19.16
C LEU A 12 -11.76 -13.58 -17.94
N ALA A 13 -12.45 -12.44 -17.99
CA ALA A 13 -13.35 -12.07 -16.91
C ALA A 13 -14.40 -13.16 -16.68
N LYS A 14 -14.98 -13.66 -17.76
CA LYS A 14 -16.00 -14.70 -17.65
C LYS A 14 -15.42 -15.99 -17.07
N HIS A 15 -14.23 -16.37 -17.54
CA HIS A 15 -13.57 -17.57 -17.02
C HIS A 15 -13.40 -17.47 -15.51
N LEU A 16 -12.87 -16.34 -15.03
CA LEU A 16 -12.55 -16.21 -13.61
C LEU A 16 -13.81 -16.13 -12.77
N TYR A 17 -14.85 -15.47 -13.29
CA TYR A 17 -16.11 -15.44 -12.57
C TYR A 17 -16.67 -16.86 -12.40
N ASP A 18 -16.69 -17.62 -13.50
CA ASP A 18 -17.17 -18.99 -13.48
C ASP A 18 -16.42 -19.81 -12.43
N SER A 19 -15.08 -19.66 -12.36
CA SER A 19 -14.29 -20.44 -11.41
C SER A 19 -14.50 -19.97 -9.98
N TYR A 20 -14.71 -18.66 -9.81
CA TYR A 20 -14.97 -18.12 -8.48
C TYR A 20 -16.27 -18.71 -7.92
N ILE A 21 -17.34 -18.70 -8.74
CA ILE A 21 -18.59 -19.32 -8.31
C ILE A 21 -18.37 -20.77 -7.94
N LYS A 22 -17.57 -21.48 -8.72
CA LYS A 22 -17.31 -22.89 -8.44
C LYS A 22 -16.48 -23.06 -7.18
N SER A 23 -15.60 -22.11 -6.85
CA SER A 23 -14.69 -22.33 -5.73
C SER A 23 -15.16 -21.73 -4.40
N PHE A 24 -16.04 -20.73 -4.42
CA PHE A 24 -16.46 -20.06 -3.19
C PHE A 24 -17.95 -20.26 -2.98
N PRO A 25 -18.36 -21.16 -2.10
CA PRO A 25 -19.82 -21.42 -1.97
C PRO A 25 -20.62 -20.24 -1.43
N LEU A 26 -20.06 -19.42 -0.55
CA LEU A 26 -20.81 -18.27 -0.04
C LEU A 26 -20.33 -17.03 -0.78
N THR A 27 -21.07 -16.65 -1.82
CA THR A 27 -20.71 -15.49 -2.63
C THR A 27 -21.21 -14.21 -1.97
N LYS A 28 -20.74 -13.07 -2.49
CA LYS A 28 -21.26 -11.79 -1.99
C LYS A 28 -22.74 -11.62 -2.34
N ALA A 29 -23.17 -12.06 -3.53
CA ALA A 29 -24.59 -11.96 -3.86
C ALA A 29 -25.46 -12.70 -2.85
N LYS A 30 -25.02 -13.90 -2.44
CA LYS A 30 -25.78 -14.63 -1.46
C LYS A 30 -25.71 -13.97 -0.09
N ALA A 31 -24.52 -13.46 0.28
CA ALA A 31 -24.36 -12.83 1.58
C ALA A 31 -25.24 -11.58 1.70
N ARG A 32 -25.39 -10.81 0.61
CA ARG A 32 -26.24 -9.62 0.65
C ARG A 32 -27.72 -9.97 0.67
N ALA A 33 -28.10 -11.08 0.05
CA ALA A 33 -29.51 -11.48 0.15
C ALA A 33 -29.83 -11.92 1.57
N ILE A 34 -28.86 -12.53 2.26
CA ILE A 34 -29.06 -12.95 3.65
C ILE A 34 -29.09 -11.73 4.58
N LEU A 35 -28.19 -10.78 4.38
CA LEU A 35 -28.08 -9.60 5.23
C LEU A 35 -29.18 -8.56 4.99
N THR A 36 -29.85 -8.57 3.85
CA THR A 36 -30.82 -7.52 3.58
C THR A 36 -32.25 -7.90 3.94
N GLY A 37 -32.69 -9.10 3.56
CA GLY A 37 -34.05 -9.51 3.91
C GLY A 37 -34.69 -10.53 2.99
N THR A 40 -36.70 -14.64 4.20
CA THR A 40 -37.63 -15.40 5.07
C THR A 40 -37.12 -16.84 5.26
N ASP A 41 -36.69 -17.49 4.18
CA ASP A 41 -36.09 -18.84 4.28
C ASP A 41 -34.59 -18.75 4.62
N LYS A 42 -33.99 -17.57 4.49
CA LYS A 42 -32.54 -17.43 4.67
C LYS A 42 -32.15 -16.53 5.84
N SER A 43 -33.10 -16.22 6.73
CA SER A 43 -32.80 -15.32 7.88
C SER A 43 -31.80 -16.01 8.82
N PRO A 44 -30.67 -15.37 9.20
CA PRO A 44 -29.72 -16.00 10.08
C PRO A 44 -30.05 -15.82 11.56
N PHE A 45 -29.64 -16.79 12.35
CA PHE A 45 -29.68 -16.65 13.80
C PHE A 45 -28.59 -15.70 14.26
N VAL A 46 -28.91 -14.85 15.23
CA VAL A 46 -28.05 -13.73 15.58
C VAL A 46 -27.46 -13.95 16.96
N ILE A 47 -26.14 -13.80 17.03
CA ILE A 47 -25.38 -14.06 18.24
C ILE A 47 -24.82 -12.71 18.67
N TYR A 48 -25.27 -12.24 19.83
CA TYR A 48 -24.91 -10.94 20.34
C TYR A 48 -24.43 -10.97 21.78
N ASP A 49 -24.54 -12.13 22.45
CA ASP A 49 -24.12 -12.30 23.85
C ASP A 49 -23.85 -13.78 24.07
N MET A 50 -23.56 -14.14 25.32
CA MET A 50 -23.15 -15.51 25.62
C MET A 50 -24.32 -16.48 25.54
N ASN A 51 -25.51 -16.06 25.95
CA ASN A 51 -26.65 -16.98 25.91
C ASN A 51 -27.07 -17.28 24.47
N SER A 52 -27.23 -16.22 23.66
CA SER A 52 -27.53 -16.43 22.25
C SER A 52 -26.46 -17.32 21.62
N LEU A 53 -25.21 -17.14 22.03
CA LEU A 53 -24.14 -18.04 21.60
C LEU A 53 -24.46 -19.49 21.95
N MET A 54 -24.72 -19.76 23.23
CA MET A 54 -24.90 -21.15 23.66
C MET A 54 -26.17 -21.75 23.06
N MET A 55 -27.22 -20.96 22.85
CA MET A 55 -28.36 -21.46 22.09
C MET A 55 -28.09 -21.43 20.60
N GLY A 56 -27.18 -20.57 20.14
CA GLY A 56 -26.81 -20.56 18.74
C GLY A 56 -26.11 -21.84 18.33
N GLU A 57 -25.22 -22.36 19.19
CA GLU A 57 -24.60 -23.66 18.89
C GLU A 57 -25.65 -24.74 18.77
N ASP A 58 -26.67 -24.69 19.62
CA ASP A 58 -27.76 -25.66 19.53
C ASP A 58 -28.43 -25.58 18.17
N LYS A 59 -28.82 -24.38 17.74
CA LYS A 59 -29.60 -24.22 16.52
C LYS A 59 -28.73 -24.37 15.26
N ILE A 60 -27.61 -23.65 15.19
CA ILE A 60 -26.76 -23.68 13.99
C ILE A 60 -25.90 -24.94 13.97
N LYS A 61 -24.68 -24.82 14.50
CA LYS A 61 -23.63 -25.83 14.40
C LYS A 61 -23.60 -26.54 13.04
N LYS A 73 -13.50 -24.96 27.77
CA LYS A 73 -12.79 -23.92 27.02
C LYS A 73 -13.49 -22.57 27.17
N GLU A 74 -12.70 -21.48 27.15
CA GLU A 74 -13.26 -20.15 27.31
C GLU A 74 -14.06 -19.76 26.06
N VAL A 75 -15.01 -18.84 26.24
CA VAL A 75 -15.84 -18.40 25.13
C VAL A 75 -14.99 -17.80 24.02
N ALA A 76 -14.01 -16.96 24.38
CA ALA A 76 -13.21 -16.28 23.37
C ALA A 76 -12.30 -17.26 22.65
N ILE A 77 -11.75 -18.23 23.36
CA ILE A 77 -10.85 -19.19 22.72
C ILE A 77 -11.63 -20.09 21.78
N ARG A 78 -12.85 -20.46 22.15
CA ARG A 78 -13.64 -21.31 21.28
C ARG A 78 -14.06 -20.59 20.02
N ILE A 79 -14.46 -19.32 20.14
CA ILE A 79 -14.72 -18.50 18.97
C ILE A 79 -13.45 -18.34 18.14
N PHE A 80 -12.31 -18.12 18.81
CA PHE A 80 -11.07 -17.96 18.07
C PHE A 80 -10.70 -19.22 17.31
N GLN A 81 -11.04 -20.39 17.82
CA GLN A 81 -10.65 -21.63 17.18
C GLN A 81 -11.59 -22.02 16.04
N GLY A 82 -12.87 -21.65 16.12
CA GLY A 82 -13.74 -21.82 14.97
C GLY A 82 -13.37 -20.88 13.85
N CYS A 83 -12.94 -19.68 14.21
CA CYS A 83 -12.43 -18.69 13.24
C CYS A 83 -11.19 -19.28 12.58
N GLN A 84 -10.35 -19.95 13.37
CA GLN A 84 -9.16 -20.61 12.83
C GLN A 84 -9.55 -21.67 11.80
N PHE A 85 -10.50 -22.52 12.16
CA PHE A 85 -10.94 -23.58 11.27
C PHE A 85 -11.52 -23.01 9.98
N ARG A 86 -12.32 -21.94 10.10
CA ARG A 86 -12.90 -21.33 8.90
C ARG A 86 -11.80 -20.76 7.99
N SER A 87 -10.74 -20.21 8.58
CA SER A 87 -9.64 -19.68 7.78
C SER A 87 -8.95 -20.78 6.99
N VAL A 88 -8.67 -21.90 7.64
CA VAL A 88 -8.10 -23.05 6.93
C VAL A 88 -8.99 -23.43 5.76
N GLU A 89 -10.29 -23.50 6.01
CA GLU A 89 -11.24 -23.80 4.96
C GLU A 89 -11.15 -22.77 3.84
N ALA A 90 -11.03 -21.49 4.20
CA ALA A 90 -10.92 -20.44 3.19
C ALA A 90 -9.62 -20.57 2.40
N VAL A 91 -8.51 -20.83 3.09
CA VAL A 91 -7.26 -21.09 2.39
C VAL A 91 -7.46 -22.18 1.34
N GLN A 92 -8.13 -23.29 1.71
CA GLN A 92 -8.38 -24.36 0.75
C GLN A 92 -9.13 -23.85 -0.46
N GLU A 93 -10.16 -23.02 -0.24
CA GLU A 93 -10.96 -22.50 -1.35
C GLU A 93 -10.13 -21.59 -2.25
N ILE A 94 -9.42 -20.64 -1.64
CA ILE A 94 -8.55 -19.74 -2.41
C ILE A 94 -7.52 -20.55 -3.21
N THR A 95 -6.90 -21.54 -2.59
CA THR A 95 -5.97 -22.38 -3.36
C THR A 95 -6.64 -23.01 -4.59
N GLU A 96 -7.86 -23.52 -4.41
CA GLU A 96 -8.53 -24.13 -5.55
C GLU A 96 -8.81 -23.11 -6.64
N TYR A 97 -9.15 -21.88 -6.24
CA TYR A 97 -9.38 -20.81 -7.19
C TYR A 97 -8.10 -20.42 -7.93
N ALA A 98 -6.99 -20.35 -7.21
CA ALA A 98 -5.73 -19.91 -7.82
C ALA A 98 -5.35 -20.78 -9.01
N LYS A 99 -5.49 -22.10 -8.85
CA LYS A 99 -5.11 -23.02 -9.92
C LYS A 99 -5.91 -22.81 -11.18
N SER A 100 -7.12 -22.25 -11.07
CA SER A 100 -7.83 -21.93 -12.28
C SER A 100 -7.35 -20.63 -12.92
N ILE A 101 -6.53 -19.82 -12.24
CA ILE A 101 -6.10 -18.57 -12.90
C ILE A 101 -5.13 -18.96 -14.01
N PRO A 102 -5.39 -18.60 -15.25
CA PRO A 102 -4.55 -19.12 -16.34
C PRO A 102 -3.11 -18.67 -16.19
N GLY A 103 -2.20 -19.64 -16.33
CA GLY A 103 -0.80 -19.44 -16.13
C GLY A 103 -0.32 -19.78 -14.75
N PHE A 104 -1.20 -19.82 -13.75
CA PHE A 104 -0.73 -19.95 -12.38
C PHE A 104 -0.03 -21.27 -12.13
N VAL A 105 -0.62 -22.39 -12.59
CA VAL A 105 -0.04 -23.68 -12.24
C VAL A 105 1.19 -23.98 -13.10
N ASN A 106 1.37 -23.25 -14.21
CA ASN A 106 2.58 -23.37 -15.01
C ASN A 106 3.76 -22.61 -14.44
N LEU A 107 3.57 -21.85 -13.37
CA LEU A 107 4.68 -21.15 -12.76
C LEU A 107 5.51 -22.14 -11.97
N ASP A 108 6.77 -21.76 -11.71
CA ASP A 108 7.62 -22.46 -10.76
C ASP A 108 6.86 -22.76 -9.47
N LEU A 109 7.04 -23.98 -9.00
CA LEU A 109 6.28 -24.47 -7.86
C LEU A 109 6.59 -23.69 -6.58
N ASN A 110 7.85 -23.32 -6.37
CA ASN A 110 8.19 -22.49 -5.23
C ASN A 110 7.49 -21.13 -5.30
N ASP A 111 7.34 -20.58 -6.50
CA ASP A 111 6.66 -19.30 -6.66
C ASP A 111 5.16 -19.43 -6.41
N GLN A 112 4.56 -20.55 -6.85
CA GLN A 112 3.17 -20.86 -6.51
C GLN A 112 2.96 -20.83 -5.02
N VAL A 113 3.79 -21.58 -4.28
CA VAL A 113 3.72 -21.60 -2.83
C VAL A 113 3.85 -20.19 -2.27
N THR A 114 4.82 -19.44 -2.77
CA THR A 114 5.08 -18.11 -2.26
C THR A 114 3.92 -17.17 -2.53
N LEU A 115 3.34 -17.27 -3.74
CA LEU A 115 2.23 -16.40 -4.09
C LEU A 115 1.00 -16.69 -3.21
N LEU A 116 0.76 -17.98 -2.92
CA LEU A 116 -0.32 -18.32 -2.00
C LEU A 116 -0.02 -17.85 -0.58
N LYS A 117 1.21 -18.09 -0.13
CA LYS A 117 1.59 -17.79 1.25
C LYS A 117 1.30 -16.34 1.62
N TYR A 118 1.62 -15.41 0.72
CA TYR A 118 1.37 -14.00 0.98
C TYR A 118 0.01 -13.54 0.50
N GLY A 119 -0.56 -14.17 -0.53
CA GLY A 119 -1.80 -13.68 -1.08
C GLY A 119 -3.03 -14.07 -0.28
N VAL A 120 -2.90 -15.10 0.55
CA VAL A 120 -4.08 -15.76 1.06
C VAL A 120 -4.81 -14.87 2.06
N HIS A 121 -4.06 -14.13 2.86
CA HIS A 121 -4.74 -13.32 3.86
C HIS A 121 -5.34 -12.06 3.25
N GLU A 122 -4.71 -11.46 2.26
CA GLU A 122 -5.33 -10.30 1.61
C GLU A 122 -6.66 -10.67 1.00
N ILE A 123 -6.75 -11.89 0.46
CA ILE A 123 -7.98 -12.38 -0.15
C ILE A 123 -9.02 -12.70 0.91
N ILE A 124 -8.59 -13.30 2.02
CA ILE A 124 -9.51 -13.60 3.09
C ILE A 124 -10.23 -12.36 3.56
N TYR A 125 -9.49 -11.27 3.81
CA TYR A 125 -10.14 -10.06 4.31
C TYR A 125 -10.89 -9.35 3.21
N THR A 126 -10.44 -9.47 1.95
CA THR A 126 -11.26 -8.96 0.85
C THR A 126 -12.62 -9.61 0.84
N MET A 127 -12.65 -10.94 0.88
CA MET A 127 -13.90 -11.67 0.71
C MET A 127 -14.73 -11.66 1.99
N LEU A 128 -14.09 -11.60 3.15
CA LEU A 128 -14.79 -11.44 4.41
C LEU A 128 -15.57 -10.14 4.46
N ALA A 129 -15.10 -9.11 3.75
CA ALA A 129 -15.89 -7.89 3.60
C ALA A 129 -17.25 -8.20 2.97
N SER A 130 -17.32 -9.16 2.06
CA SER A 130 -18.60 -9.55 1.48
C SER A 130 -19.58 -10.02 2.53
N LEU A 131 -19.08 -10.53 3.66
CA LEU A 131 -19.92 -11.14 4.68
C LEU A 131 -20.25 -10.18 5.79
N MET A 132 -19.79 -8.93 5.71
CA MET A 132 -19.90 -7.97 6.79
C MET A 132 -20.82 -6.82 6.41
N ASN A 133 -21.47 -6.26 7.42
CA ASN A 133 -21.95 -4.89 7.29
C ASN A 133 -21.44 -4.15 8.51
N LYS A 134 -21.88 -2.92 8.74
CA LYS A 134 -21.29 -2.14 9.83
C LYS A 134 -21.51 -2.79 11.19
N ASP A 135 -22.47 -3.73 11.30
CA ASP A 135 -22.93 -4.28 12.57
C ASP A 135 -22.48 -5.69 12.88
N GLY A 136 -22.00 -6.46 11.91
CA GLY A 136 -21.54 -7.80 12.24
C GLY A 136 -21.18 -8.58 10.99
N VAL A 137 -21.05 -9.90 11.16
CA VAL A 137 -20.47 -10.76 10.15
C VAL A 137 -21.26 -12.06 10.07
N LEU A 138 -21.59 -12.49 8.85
CA LEU A 138 -22.17 -13.80 8.66
C LEU A 138 -21.15 -14.87 9.06
N ILE A 139 -21.65 -15.97 9.62
CA ILE A 139 -20.82 -17.10 10.02
C ILE A 139 -21.57 -18.37 9.66
N SER A 140 -20.83 -19.48 9.72
CA SER A 140 -21.38 -20.82 9.47
C SER A 140 -22.18 -20.83 8.15
N GLU A 141 -21.52 -20.39 7.08
CA GLU A 141 -22.11 -20.32 5.74
C GLU A 141 -23.38 -19.48 5.71
N GLY A 142 -23.44 -18.42 6.49
CA GLY A 142 -24.61 -17.58 6.47
C GLY A 142 -25.75 -18.04 7.35
N GLN A 143 -25.66 -19.20 8.01
CA GLN A 143 -26.68 -19.56 8.98
C GLN A 143 -26.68 -18.65 10.19
N GLY A 144 -25.54 -18.02 10.49
CA GLY A 144 -25.42 -17.24 11.71
C GLY A 144 -24.96 -15.84 11.39
N PHE A 145 -25.03 -14.97 12.40
CA PHE A 145 -24.58 -13.58 12.27
C PHE A 145 -24.08 -13.14 13.63
N MET A 146 -22.77 -12.98 13.76
CA MET A 146 -22.17 -12.47 14.98
C MET A 146 -22.00 -10.98 14.86
N THR A 147 -22.51 -10.26 15.85
CA THR A 147 -22.49 -8.80 15.82
C THR A 147 -21.09 -8.28 16.11
N ARG A 148 -20.79 -7.12 15.53
CA ARG A 148 -19.49 -6.50 15.76
C ARG A 148 -19.25 -6.27 17.25
N GLU A 149 -20.29 -5.79 17.95
CA GLU A 149 -20.13 -5.42 19.36
C GLU A 149 -19.82 -6.64 20.23
N PHE A 150 -20.47 -7.77 19.97
CA PHE A 150 -20.18 -8.97 20.74
C PHE A 150 -18.72 -9.39 20.57
N LEU A 151 -18.20 -9.31 19.34
CA LEU A 151 -16.80 -9.58 19.10
C LEU A 151 -15.90 -8.64 19.89
N LYS A 152 -16.18 -7.33 19.82
CA LYS A 152 -15.36 -6.35 20.50
C LYS A 152 -15.37 -6.53 22.02
N SER A 153 -16.42 -7.14 22.56
CA SER A 153 -16.52 -7.39 23.99
C SER A 153 -15.81 -8.66 24.42
N LEU A 154 -15.26 -9.43 23.48
CA LEU A 154 -14.43 -10.55 23.87
C LEU A 154 -13.17 -10.04 24.58
N ARG A 155 -12.67 -10.84 25.52
CA ARG A 155 -11.57 -10.38 26.34
C ARG A 155 -10.32 -10.16 25.50
N LYS A 156 -9.46 -9.26 25.98
CA LYS A 156 -8.18 -9.06 25.33
C LYS A 156 -7.39 -10.36 25.36
N PRO A 157 -6.61 -10.66 24.30
CA PRO A 157 -6.45 -9.80 23.12
C PRO A 157 -7.46 -10.09 22.01
N PHE A 158 -8.46 -10.93 22.31
CA PHE A 158 -9.34 -11.42 21.25
C PHE A 158 -10.38 -10.38 20.82
N GLY A 159 -10.73 -9.43 21.68
CA GLY A 159 -11.72 -8.45 21.28
C GLY A 159 -11.22 -7.43 20.28
N ASP A 160 -9.94 -7.44 19.95
CA ASP A 160 -9.36 -6.52 18.99
C ASP A 160 -9.05 -7.18 17.65
N PHE A 161 -9.35 -8.48 17.51
CA PHE A 161 -9.06 -9.19 16.27
C PHE A 161 -9.85 -8.64 15.10
N MET A 162 -11.16 -8.55 15.24
CA MET A 162 -12.01 -8.34 14.08
C MET A 162 -12.28 -6.88 13.78
N GLU A 163 -12.09 -5.99 14.74
CA GLU A 163 -12.44 -4.59 14.53
C GLU A 163 -11.76 -3.98 13.32
N PRO A 164 -10.45 -4.11 13.10
CA PRO A 164 -9.87 -3.57 11.87
C PRO A 164 -10.50 -4.15 10.61
N LYS A 165 -10.89 -5.43 10.64
CA LYS A 165 -11.53 -6.01 9.47
C LYS A 165 -12.87 -5.34 9.18
N PHE A 166 -13.68 -5.07 10.22
CA PHE A 166 -14.90 -4.32 10.02
C PHE A 166 -14.61 -2.94 9.46
N GLU A 167 -13.58 -2.28 9.98
CA GLU A 167 -13.25 -0.94 9.52
C GLU A 167 -12.86 -0.95 8.06
N PHE A 168 -12.09 -1.95 7.64
CA PHE A 168 -11.76 -2.08 6.21
C PHE A 168 -13.02 -2.38 5.40
N ALA A 169 -13.81 -3.34 5.88
CA ALA A 169 -14.98 -3.77 5.11
C ALA A 169 -15.95 -2.63 4.86
N VAL A 170 -16.16 -1.77 5.87
CA VAL A 170 -17.07 -0.64 5.71
C VAL A 170 -16.61 0.26 4.56
N LYS A 171 -15.31 0.57 4.51
CA LYS A 171 -14.80 1.35 3.39
C LYS A 171 -14.83 0.54 2.10
N PHE A 172 -14.31 -0.69 2.12
CA PHE A 172 -14.24 -1.49 0.92
C PHE A 172 -15.62 -1.75 0.33
N ASN A 173 -16.62 -1.97 1.19
CA ASN A 173 -17.95 -2.26 0.70
C ASN A 173 -18.62 -1.06 0.07
N ALA A 174 -18.11 0.16 0.35
CA ALA A 174 -18.68 1.34 -0.29
C ALA A 174 -18.32 1.41 -1.76
N LEU A 175 -17.30 0.67 -2.20
CA LEU A 175 -17.02 0.57 -3.63
C LEU A 175 -18.12 -0.18 -4.38
N GLU A 176 -18.91 -0.99 -3.67
CA GLU A 176 -20.06 -1.69 -4.26
C GLU A 176 -19.64 -2.63 -5.37
N LEU A 177 -18.58 -3.39 -5.13
CA LEU A 177 -18.17 -4.38 -6.11
C LEU A 177 -19.11 -5.58 -6.04
N ASP A 178 -19.31 -6.23 -7.16
CA ASP A 178 -20.05 -7.49 -7.12
C ASP A 178 -19.07 -8.63 -7.40
N ASP A 179 -19.57 -9.88 -7.33
CA ASP A 179 -18.70 -11.04 -7.35
C ASP A 179 -17.83 -11.10 -8.59
N SER A 180 -18.40 -10.71 -9.74
CA SER A 180 -17.66 -10.75 -10.98
C SER A 180 -16.50 -9.77 -10.98
N ASP A 181 -16.65 -8.65 -10.24
CA ASP A 181 -15.51 -7.74 -10.04
C ASP A 181 -14.49 -8.40 -9.14
N LEU A 182 -14.96 -9.01 -8.03
CA LEU A 182 -14.06 -9.56 -7.03
C LEU A 182 -13.24 -10.72 -7.59
N ALA A 183 -13.82 -11.52 -8.49
CA ALA A 183 -13.11 -12.66 -9.03
C ALA A 183 -11.82 -12.20 -9.69
N ILE A 184 -11.89 -11.12 -10.48
CA ILE A 184 -10.70 -10.60 -11.14
C ILE A 184 -9.77 -9.95 -10.14
N PHE A 185 -10.33 -9.18 -9.20
CA PHE A 185 -9.51 -8.48 -8.23
C PHE A 185 -8.71 -9.45 -7.38
N ILE A 186 -9.32 -10.54 -6.91
CA ILE A 186 -8.53 -11.43 -6.07
C ILE A 186 -7.49 -12.18 -6.91
N ALA A 187 -7.74 -12.38 -8.19
CA ALA A 187 -6.71 -12.92 -9.08
C ALA A 187 -5.56 -11.94 -9.21
N VAL A 188 -5.86 -10.64 -9.37
CA VAL A 188 -4.79 -9.64 -9.42
C VAL A 188 -3.95 -9.71 -8.15
N ILE A 189 -4.61 -9.85 -6.99
CA ILE A 189 -3.89 -9.96 -5.72
C ILE A 189 -2.92 -11.14 -5.73
N ILE A 190 -3.42 -12.35 -6.04
CA ILE A 190 -2.57 -13.54 -5.99
C ILE A 190 -1.31 -13.34 -6.83
N LEU A 191 -1.48 -12.86 -8.05
CA LEU A 191 -0.36 -12.76 -9.00
C LEU A 191 0.41 -11.45 -8.77
N SER A 192 0.92 -11.30 -7.55
CA SER A 192 1.67 -10.09 -7.16
C SER A 192 3.16 -10.36 -7.32
N GLY A 193 3.77 -9.72 -8.32
CA GLY A 193 5.18 -9.89 -8.57
C GLY A 193 6.10 -9.45 -7.44
N ASP A 194 5.61 -8.64 -6.51
CA ASP A 194 6.47 -8.05 -5.50
C ASP A 194 6.44 -8.81 -4.18
N ARG A 195 6.09 -10.09 -4.22
CA ARG A 195 6.17 -10.86 -2.98
C ARG A 195 7.62 -11.21 -2.70
N PRO A 196 7.98 -11.32 -1.42
CA PRO A 196 9.37 -11.62 -1.08
C PRO A 196 9.73 -13.06 -1.45
N GLY A 197 10.92 -13.22 -2.05
CA GLY A 197 11.45 -14.54 -2.34
C GLY A 197 10.99 -15.14 -3.65
N LEU A 198 10.26 -14.40 -4.47
CA LEU A 198 9.86 -14.91 -5.78
C LEU A 198 11.08 -15.21 -6.63
N LEU A 199 11.15 -16.42 -7.15
CA LEU A 199 12.32 -16.81 -7.91
C LEU A 199 12.31 -16.19 -9.30
N ASN A 200 11.16 -16.11 -9.95
CA ASN A 200 11.06 -15.61 -11.32
C ASN A 200 9.87 -14.65 -11.42
N VAL A 201 10.17 -13.36 -11.27
CA VAL A 201 9.12 -12.35 -11.12
C VAL A 201 8.41 -12.07 -12.44
N LYS A 202 9.15 -12.15 -13.55
CA LYS A 202 8.63 -11.67 -14.83
C LYS A 202 7.38 -12.39 -15.32
N PRO A 203 7.30 -13.73 -15.32
CA PRO A 203 6.06 -14.36 -15.80
C PRO A 203 4.87 -14.05 -14.91
N ILE A 204 5.08 -13.91 -13.60
CA ILE A 204 4.03 -13.46 -12.72
C ILE A 204 3.48 -12.11 -13.16
N GLU A 205 4.38 -11.13 -13.39
CA GLU A 205 3.94 -9.81 -13.78
C GLU A 205 3.23 -9.80 -15.13
N ASP A 206 3.66 -10.65 -16.07
CA ASP A 206 2.96 -10.72 -17.35
C ASP A 206 1.52 -11.20 -17.16
N ILE A 207 1.31 -12.14 -16.25
CA ILE A 207 -0.05 -12.58 -15.96
C ILE A 207 -0.83 -11.45 -15.30
N GLN A 208 -0.20 -10.76 -14.34
CA GLN A 208 -0.92 -9.72 -13.60
C GLN A 208 -1.36 -8.58 -14.52
N ASP A 209 -0.52 -8.21 -15.49
CA ASP A 209 -0.88 -7.13 -16.41
C ASP A 209 -2.12 -7.49 -17.21
N ASN A 210 -2.19 -8.72 -17.67
CA ASN A 210 -3.37 -9.15 -18.39
C ASN A 210 -4.58 -9.18 -17.45
N LEU A 211 -4.40 -9.61 -16.21
CA LEU A 211 -5.47 -9.51 -15.22
C LEU A 211 -5.86 -8.05 -14.95
N LEU A 212 -4.86 -7.15 -14.84
CA LEU A 212 -5.15 -5.73 -14.61
C LEU A 212 -5.95 -5.16 -15.78
N GLN A 213 -5.52 -5.49 -17.00
CA GLN A 213 -6.31 -5.13 -18.18
C GLN A 213 -7.74 -5.67 -18.06
N ALA A 214 -7.87 -6.95 -17.70
CA ALA A 214 -9.20 -7.53 -17.53
C ALA A 214 -10.00 -6.77 -16.46
N LEU A 215 -9.39 -6.55 -15.30
CA LEU A 215 -10.08 -5.83 -14.22
C LEU A 215 -10.56 -4.47 -14.69
N GLU A 216 -9.69 -3.76 -15.43
CA GLU A 216 -9.99 -2.43 -15.92
C GLU A 216 -11.19 -2.44 -16.86
N LEU A 217 -11.17 -3.32 -17.85
CA LEU A 217 -12.33 -3.38 -18.73
C LEU A 217 -13.58 -3.77 -17.96
N GLN A 218 -13.44 -4.67 -16.98
CA GLN A 218 -14.59 -5.13 -16.21
C GLN A 218 -15.20 -3.99 -15.39
N LEU A 219 -14.36 -3.19 -14.74
CA LEU A 219 -14.91 -2.10 -13.94
C LEU A 219 -15.55 -1.04 -14.82
N LYS A 220 -14.96 -0.77 -15.99
CA LYS A 220 -15.55 0.21 -16.90
C LYS A 220 -16.92 -0.26 -17.39
N LEU A 221 -17.03 -1.55 -17.74
CA LEU A 221 -18.29 -2.05 -18.29
C LEU A 221 -19.33 -2.21 -17.19
N ASN A 222 -18.90 -2.64 -16.01
CA ASN A 222 -19.84 -2.97 -14.94
C ASN A 222 -20.23 -1.76 -14.11
N HIS A 223 -19.35 -0.77 -13.98
CA HIS A 223 -19.63 0.43 -13.19
C HIS A 223 -19.31 1.67 -14.00
N PRO A 224 -20.02 1.90 -15.11
CA PRO A 224 -19.63 3.00 -16.00
C PRO A 224 -19.66 4.36 -15.34
N GLU A 225 -20.57 4.59 -14.39
CA GLU A 225 -20.66 5.89 -13.73
C GLU A 225 -19.72 6.03 -12.55
N SER A 226 -18.92 5.01 -12.23
CA SER A 226 -18.04 5.07 -11.06
C SER A 226 -16.64 5.41 -11.54
N SER A 227 -16.34 6.71 -11.52
CA SER A 227 -15.09 7.22 -12.06
C SER A 227 -13.91 6.75 -11.22
N GLN A 228 -12.83 6.36 -11.91
CA GLN A 228 -11.58 5.93 -11.29
C GLN A 228 -11.79 4.84 -10.24
N LEU A 229 -12.83 4.01 -10.42
CA LEU A 229 -13.03 2.86 -9.54
C LEU A 229 -11.81 1.94 -9.58
N PHE A 230 -11.26 1.75 -10.77
CA PHE A 230 -10.09 0.91 -10.94
C PHE A 230 -8.95 1.41 -10.06
N ALA A 231 -8.64 2.70 -10.16
CA ALA A 231 -7.62 3.29 -9.30
C ALA A 231 -8.01 3.18 -7.82
N LYS A 232 -9.26 3.45 -7.47
CA LYS A 232 -9.64 3.37 -6.06
C LYS A 232 -9.51 1.94 -5.55
N LEU A 233 -9.88 0.96 -6.37
CA LEU A 233 -9.73 -0.44 -5.97
C LEU A 233 -8.26 -0.80 -5.74
N LEU A 234 -7.37 -0.36 -6.63
CA LEU A 234 -5.95 -0.70 -6.46
C LEU A 234 -5.36 -0.08 -5.21
N GLN A 235 -5.84 1.11 -4.82
CA GLN A 235 -5.38 1.74 -3.59
C GLN A 235 -5.90 1.05 -2.35
N LYS A 236 -7.02 0.31 -2.47
CA LYS A 236 -7.45 -0.55 -1.36
C LYS A 236 -6.43 -1.64 -1.08
N MET A 237 -5.64 -2.02 -2.09
CA MET A 237 -4.63 -3.06 -1.96
C MET A 237 -3.51 -2.57 -1.07
N THR A 238 -3.78 -1.54 -0.26
CA THR A 238 -2.89 -0.94 0.72
C THR A 238 -3.43 -1.08 2.13
N ASP A 239 -4.71 -0.76 2.33
CA ASP A 239 -5.34 -1.11 3.60
C ASP A 239 -5.23 -2.60 3.89
N LEU A 240 -5.17 -3.44 2.85
CA LEU A 240 -5.07 -4.88 3.04
C LEU A 240 -3.74 -5.26 3.69
N ARG A 241 -2.62 -4.81 3.10
CA ARG A 241 -1.32 -5.14 3.66
C ARG A 241 -1.22 -4.71 5.12
N GLN A 242 -1.84 -3.58 5.45
CA GLN A 242 -1.80 -3.08 6.82
C GLN A 242 -2.55 -3.99 7.77
N ILE A 243 -3.69 -4.51 7.34
CA ILE A 243 -4.47 -5.42 8.18
C ILE A 243 -3.69 -6.71 8.43
N VAL A 244 -3.03 -7.23 7.40
CA VAL A 244 -2.21 -8.43 7.58
C VAL A 244 -1.15 -8.19 8.66
N THR A 245 -0.40 -7.08 8.52
CA THR A 245 0.65 -6.79 9.48
C THR A 245 0.11 -6.71 10.89
N GLU A 246 -0.96 -5.92 11.08
CA GLU A 246 -1.60 -5.83 12.38
C GLU A 246 -2.02 -7.21 12.88
N HIS A 247 -2.46 -8.08 11.97
CA HIS A 247 -3.02 -9.36 12.38
C HIS A 247 -1.95 -10.31 12.92
N VAL A 248 -0.82 -10.44 12.21
CA VAL A 248 0.21 -11.37 12.68
C VAL A 248 0.77 -10.88 14.01
N GLN A 249 0.71 -9.58 14.26
CA GLN A 249 1.16 -9.05 15.53
C GLN A 249 0.31 -9.58 16.67
N LEU A 250 -1.01 -9.65 16.50
CA LEU A 250 -1.83 -10.12 17.61
C LEU A 250 -1.71 -11.62 17.80
N LEU A 251 -1.49 -12.37 16.72
CA LEU A 251 -1.24 -13.81 16.86
C LEU A 251 0.00 -14.07 17.71
N GLN A 252 1.07 -13.32 17.49
CA GLN A 252 2.28 -13.52 18.29
C GLN A 252 2.02 -13.23 19.77
N VAL A 253 1.17 -12.25 20.06
CA VAL A 253 0.77 -12.05 21.45
C VAL A 253 0.12 -13.30 22.00
N ILE A 254 -0.74 -13.95 21.20
CA ILE A 254 -1.48 -15.12 21.67
C ILE A 254 -0.55 -16.30 21.91
N LYS A 255 0.40 -16.53 21.01
CA LYS A 255 1.35 -17.62 21.16
C LYS A 255 2.03 -17.60 22.52
N LYS A 256 2.35 -16.40 23.05
CA LYS A 256 2.96 -16.28 24.36
C LYS A 256 1.95 -16.20 25.50
N THR A 257 0.75 -15.71 25.23
CA THR A 257 -0.27 -15.66 26.28
C THR A 257 -0.88 -17.03 26.49
N GLU A 258 -1.24 -17.71 25.41
CA GLU A 258 -2.02 -18.94 25.46
C GLU A 258 -1.14 -20.10 24.99
N THR A 259 -0.16 -20.46 25.82
CA THR A 259 0.76 -21.51 25.39
C THR A 259 0.11 -22.88 25.36
N ASP A 260 -1.13 -23.00 25.84
CA ASP A 260 -1.93 -24.21 25.68
C ASP A 260 -2.71 -24.25 24.37
N MET A 261 -2.81 -23.14 23.67
CA MET A 261 -3.67 -23.02 22.50
C MET A 261 -2.86 -23.27 21.23
N SER A 262 -3.39 -24.11 20.35
CA SER A 262 -2.65 -24.59 19.20
C SER A 262 -3.17 -23.92 17.94
N LEU A 263 -2.24 -23.45 17.12
CA LEU A 263 -2.56 -22.96 15.78
C LEU A 263 -2.50 -24.11 14.78
N HIS A 264 -3.42 -24.09 13.81
CA HIS A 264 -3.46 -25.10 12.77
C HIS A 264 -2.17 -25.08 11.96
N PRO A 265 -1.65 -26.24 11.53
CA PRO A 265 -0.34 -26.24 10.87
C PRO A 265 -0.34 -25.55 9.52
N LEU A 266 -1.40 -25.73 8.73
CA LEU A 266 -1.49 -24.99 7.49
C LEU A 266 -1.35 -23.49 7.72
N LEU A 267 -1.99 -22.97 8.78
CA LEU A 267 -1.85 -21.55 9.11
C LEU A 267 -0.48 -21.24 9.69
N GLN A 268 0.12 -22.19 10.41
CA GLN A 268 1.50 -22.03 10.86
C GLN A 268 2.41 -21.72 9.68
N GLU A 269 2.28 -22.48 8.59
CA GLU A 269 3.20 -22.32 7.47
C GLU A 269 2.94 -21.04 6.69
N ILE A 270 1.69 -20.56 6.68
CA ILE A 270 1.47 -19.28 6.02
C ILE A 270 2.20 -18.17 6.77
N TYR A 271 2.30 -18.27 8.09
CA TYR A 271 2.81 -17.18 8.89
C TYR A 271 4.33 -17.20 9.12
N LYS A 272 5.02 -18.28 8.77
CA LYS A 272 6.49 -18.27 8.83
C LYS A 272 7.04 -17.34 7.75
N GLU B 5 -12.78 15.53 -20.91
CA GLU B 5 -12.30 16.20 -22.12
C GLU B 5 -10.77 16.22 -22.13
N SER B 6 -10.19 15.61 -23.15
CA SER B 6 -8.77 15.27 -23.09
C SER B 6 -7.88 16.51 -23.08
N ALA B 7 -8.24 17.53 -23.86
CA ALA B 7 -7.46 18.76 -23.86
C ALA B 7 -7.39 19.38 -22.47
N ASP B 8 -8.43 19.20 -21.67
CA ASP B 8 -8.45 19.78 -20.33
C ASP B 8 -7.48 19.06 -19.40
N LEU B 9 -7.36 17.74 -19.55
CA LEU B 9 -6.40 16.97 -18.79
C LEU B 9 -4.98 17.34 -19.17
N ARG B 10 -4.70 17.44 -20.48
CA ARG B 10 -3.38 17.85 -20.91
C ARG B 10 -3.02 19.24 -20.39
N ALA B 11 -4.01 20.13 -20.28
CA ALA B 11 -3.77 21.43 -19.65
C ALA B 11 -3.36 21.26 -18.19
N LEU B 12 -4.10 20.42 -17.45
CA LEU B 12 -3.74 20.18 -16.06
C LEU B 12 -2.34 19.58 -15.95
N ALA B 13 -2.01 18.60 -16.80
CA ALA B 13 -0.68 18.00 -16.76
C ALA B 13 0.40 19.05 -16.99
N LYS B 14 0.22 19.89 -18.01
CA LYS B 14 1.19 20.94 -18.30
C LYS B 14 1.32 21.91 -17.13
N HIS B 15 0.19 22.30 -16.56
CA HIS B 15 0.21 23.19 -15.41
C HIS B 15 1.02 22.59 -14.26
N LEU B 16 0.78 21.31 -13.95
CA LEU B 16 1.50 20.69 -12.84
C LEU B 16 2.98 20.54 -13.15
N TYR B 17 3.33 20.21 -14.40
CA TYR B 17 4.74 20.13 -14.78
C TYR B 17 5.44 21.47 -14.59
N ASP B 18 4.83 22.56 -15.09
CA ASP B 18 5.43 23.89 -14.93
C ASP B 18 5.62 24.23 -13.45
N SER B 19 4.59 23.94 -12.64
CA SER B 19 4.68 24.24 -11.22
C SER B 19 5.73 23.39 -10.53
N TYR B 20 5.87 22.14 -11.00
CA TYR B 20 6.84 21.22 -10.41
C TYR B 20 8.27 21.65 -10.74
N ILE B 21 8.51 22.07 -11.98
CA ILE B 21 9.82 22.63 -12.33
C ILE B 21 10.13 23.85 -11.47
N LYS B 22 9.16 24.75 -11.32
CA LYS B 22 9.40 25.95 -10.52
C LYS B 22 9.62 25.63 -9.04
N SER B 23 9.02 24.56 -8.52
CA SER B 23 9.12 24.26 -7.09
C SER B 23 10.29 23.36 -6.70
N PHE B 24 10.74 22.50 -7.59
CA PHE B 24 11.80 21.55 -7.23
C PHE B 24 12.99 21.82 -8.13
N PRO B 25 14.01 22.53 -7.64
CA PRO B 25 15.11 22.92 -8.54
C PRO B 25 15.83 21.75 -9.17
N LEU B 26 16.25 20.76 -8.37
CA LEU B 26 16.96 19.58 -8.88
C LEU B 26 15.94 18.59 -9.43
N THR B 27 15.68 18.67 -10.73
CA THR B 27 14.72 17.79 -11.37
C THR B 27 15.34 16.42 -11.62
N LYS B 28 14.48 15.45 -11.97
CA LYS B 28 14.99 14.12 -12.31
C LYS B 28 15.84 14.15 -13.59
N ALA B 29 15.37 14.86 -14.63
CA ALA B 29 16.20 15.05 -15.81
C ALA B 29 17.59 15.56 -15.42
N LYS B 30 17.65 16.60 -14.59
CA LYS B 30 18.92 17.14 -14.18
C LYS B 30 19.71 16.13 -13.34
N ALA B 31 19.03 15.37 -12.49
CA ALA B 31 19.74 14.44 -11.62
C ALA B 31 20.22 13.23 -12.40
N ARG B 32 19.44 12.77 -13.38
CA ARG B 32 19.88 11.65 -14.22
C ARG B 32 21.14 12.00 -15.00
N ALA B 33 21.22 13.22 -15.51
CA ALA B 33 22.42 13.66 -16.21
C ALA B 33 23.64 13.58 -15.29
N ILE B 34 23.54 14.16 -14.10
CA ILE B 34 24.64 14.15 -13.14
C ILE B 34 25.07 12.72 -12.81
N LEU B 35 24.11 11.80 -12.64
CA LEU B 35 24.48 10.45 -12.24
C LEU B 35 25.07 9.65 -13.39
N THR B 36 24.66 9.94 -14.63
CA THR B 36 25.10 9.12 -15.74
C THR B 36 26.48 9.55 -16.23
N GLY B 37 26.76 10.85 -16.20
CA GLY B 37 27.95 11.42 -16.80
C GLY B 37 27.66 12.46 -17.86
N LYS B 38 26.42 12.51 -18.36
CA LYS B 38 26.06 13.49 -19.37
C LYS B 38 25.92 14.88 -18.76
N ASP B 41 29.96 15.94 -17.29
CA ASP B 41 31.26 16.62 -17.30
C ASP B 41 31.76 16.93 -15.88
N LYS B 42 31.12 17.89 -15.20
CA LYS B 42 31.53 18.32 -13.86
C LYS B 42 31.13 17.26 -12.84
N SER B 43 32.07 16.39 -12.49
CA SER B 43 31.81 15.34 -11.51
C SER B 43 31.36 15.94 -10.19
N PRO B 44 30.27 15.46 -9.60
CA PRO B 44 30.01 15.79 -8.19
C PRO B 44 31.04 15.12 -7.30
N PHE B 45 31.32 15.75 -6.16
CA PHE B 45 32.26 15.18 -5.21
C PHE B 45 31.69 13.89 -4.64
N VAL B 46 32.51 12.85 -4.58
CA VAL B 46 32.05 11.53 -4.17
C VAL B 46 32.49 11.28 -2.74
N ILE B 47 31.55 10.84 -1.91
CA ILE B 47 31.82 10.46 -0.54
C ILE B 47 31.67 8.95 -0.50
N TYR B 48 32.80 8.25 -0.37
CA TYR B 48 32.82 6.80 -0.37
C TYR B 48 33.33 6.23 0.94
N ASP B 49 33.89 7.06 1.81
CA ASP B 49 34.49 6.58 3.05
C ASP B 49 34.69 7.78 3.98
N MET B 50 35.10 7.48 5.22
CA MET B 50 35.26 8.53 6.22
C MET B 50 36.15 9.67 5.74
N ASN B 51 37.26 9.35 5.08
CA ASN B 51 38.21 10.39 4.70
C ASN B 51 37.63 11.29 3.62
N SER B 52 36.84 10.72 2.70
CA SER B 52 36.18 11.55 1.70
C SER B 52 35.08 12.40 2.33
N LEU B 53 34.39 11.86 3.33
CA LEU B 53 33.41 12.64 4.09
C LEU B 53 34.08 13.85 4.74
N MET B 54 35.19 13.62 5.45
CA MET B 54 35.93 14.73 6.05
C MET B 54 36.32 15.77 5.00
N MET B 55 36.89 15.31 3.89
CA MET B 55 37.15 16.23 2.78
C MET B 55 35.86 16.87 2.28
N GLY B 56 34.75 16.12 2.31
CA GLY B 56 33.51 16.67 1.80
C GLY B 56 33.09 17.96 2.48
N GLU B 57 33.17 17.99 3.81
CA GLU B 57 32.74 19.16 4.55
C GLU B 57 33.51 20.41 4.14
N ASP B 58 34.85 20.39 4.33
CA ASP B 58 35.67 21.57 4.12
C ASP B 58 35.68 22.05 2.68
N LYS B 59 35.09 21.30 1.75
CA LYS B 59 35.06 21.71 0.35
C LYS B 59 33.63 22.14 -0.04
N ILE B 60 32.69 21.19 -0.06
CA ILE B 60 31.29 21.49 -0.33
C ILE B 60 30.72 22.38 0.78
N LYS B 61 29.58 23.00 0.48
CA LYS B 61 28.85 23.81 1.46
C LYS B 61 27.79 22.94 2.15
N PHE B 62 28.04 22.56 3.40
CA PHE B 62 27.06 21.91 4.26
C PHE B 62 26.53 22.95 5.25
N LYS B 63 25.28 23.39 5.05
CA LYS B 63 24.71 24.46 5.86
C LYS B 63 24.03 23.96 7.14
N HIS B 64 24.23 22.68 7.51
CA HIS B 64 23.69 22.12 8.74
C HIS B 64 24.77 21.70 9.76
N ILE B 65 26.06 21.89 9.45
CA ILE B 65 27.12 21.54 10.37
C ILE B 65 27.10 22.49 11.56
N THR B 66 27.08 21.93 12.77
CA THR B 66 26.78 22.69 13.97
C THR B 66 27.79 22.42 15.08
N PRO B 67 28.16 23.45 15.86
CA PRO B 67 28.90 23.21 17.11
C PRO B 67 28.12 22.37 18.10
N LEU B 68 28.69 22.18 19.29
CA LEU B 68 28.15 21.28 20.31
C LEU B 68 28.00 19.87 19.73
N LYS B 73 28.03 13.53 18.88
CA LYS B 73 28.51 14.21 17.68
C LYS B 73 29.55 13.39 16.94
N GLU B 74 29.19 12.14 16.63
CA GLU B 74 29.99 11.26 15.80
C GLU B 74 29.49 11.34 14.35
N VAL B 75 30.05 10.52 13.46
CA VAL B 75 29.81 10.72 12.04
C VAL B 75 28.39 10.28 11.66
N ALA B 76 27.99 9.07 12.06
CA ALA B 76 26.68 8.56 11.67
C ALA B 76 25.56 9.52 12.09
N ILE B 77 25.65 10.09 13.29
CA ILE B 77 24.62 11.01 13.77
C ILE B 77 24.60 12.27 12.91
N ARG B 78 25.78 12.82 12.61
CA ARG B 78 25.83 14.03 11.81
C ARG B 78 25.26 13.81 10.42
N ILE B 79 25.40 12.59 9.89
CA ILE B 79 24.82 12.29 8.58
C ILE B 79 23.29 12.26 8.70
N PHE B 80 22.78 11.55 9.70
CA PHE B 80 21.33 11.50 9.88
C PHE B 80 20.77 12.91 10.13
N GLN B 81 21.43 13.68 11.01
CA GLN B 81 21.00 15.05 11.25
C GLN B 81 20.96 15.85 9.96
N GLY B 82 21.95 15.67 9.09
CA GLY B 82 21.92 16.37 7.82
C GLY B 82 20.75 15.97 6.96
N CYS B 83 20.38 14.69 7.02
CA CYS B 83 19.20 14.22 6.32
C CYS B 83 17.95 14.94 6.79
N GLN B 84 17.89 15.23 8.09
CA GLN B 84 16.76 15.98 8.64
C GLN B 84 16.70 17.39 8.08
N PHE B 85 17.83 18.10 8.08
CA PHE B 85 17.86 19.45 7.51
C PHE B 85 17.29 19.44 6.10
N ARG B 86 17.68 18.48 5.27
CA ARG B 86 17.20 18.48 3.89
C ARG B 86 15.71 18.17 3.84
N SER B 87 15.22 17.33 4.75
CA SER B 87 13.81 16.95 4.73
C SER B 87 12.90 18.13 5.03
N VAL B 88 13.22 18.91 6.08
CA VAL B 88 12.42 20.10 6.34
C VAL B 88 12.51 21.08 5.19
N GLU B 89 13.66 21.14 4.52
CA GLU B 89 13.75 21.94 3.29
C GLU B 89 12.77 21.43 2.25
N ALA B 90 12.76 20.12 2.01
CA ALA B 90 11.88 19.54 1.01
C ALA B 90 10.42 19.72 1.40
N VAL B 91 10.12 19.70 2.70
CA VAL B 91 8.74 19.97 3.11
C VAL B 91 8.26 21.31 2.56
N GLN B 92 9.12 22.34 2.58
CA GLN B 92 8.67 23.64 2.12
C GLN B 92 8.54 23.68 0.61
N GLU B 93 9.35 22.89 -0.11
CA GLU B 93 9.15 22.83 -1.55
C GLU B 93 7.84 22.14 -1.87
N ILE B 94 7.55 21.03 -1.17
CA ILE B 94 6.31 20.30 -1.40
C ILE B 94 5.11 21.16 -1.05
N THR B 95 5.19 21.89 0.06
CA THR B 95 4.12 22.79 0.44
C THR B 95 3.85 23.83 -0.63
N GLU B 96 4.90 24.36 -1.24
CA GLU B 96 4.67 25.36 -2.28
C GLU B 96 4.06 24.72 -3.51
N TYR B 97 4.62 23.58 -3.94
CA TYR B 97 4.04 22.84 -5.07
C TYR B 97 2.56 22.59 -4.89
N ALA B 98 2.15 22.13 -3.69
CA ALA B 98 0.74 21.76 -3.51
C ALA B 98 -0.20 22.95 -3.69
N LYS B 99 0.24 24.15 -3.33
CA LYS B 99 -0.61 25.32 -3.50
C LYS B 99 -0.97 25.55 -4.96
N SER B 100 -0.16 25.05 -5.89
CA SER B 100 -0.50 25.17 -7.29
C SER B 100 -1.41 24.04 -7.81
N ILE B 101 -1.75 23.04 -7.00
CA ILE B 101 -2.65 22.01 -7.49
C ILE B 101 -4.04 22.63 -7.53
N PRO B 102 -4.68 22.73 -8.70
CA PRO B 102 -6.01 23.37 -8.79
C PRO B 102 -6.98 22.78 -7.78
N GLY B 103 -7.58 23.66 -6.98
CA GLY B 103 -8.53 23.28 -5.97
C GLY B 103 -7.96 23.10 -4.59
N PHE B 104 -6.63 23.00 -4.46
CA PHE B 104 -6.03 22.69 -3.16
C PHE B 104 -6.23 23.83 -2.17
N VAL B 105 -6.00 25.07 -2.60
CA VAL B 105 -6.07 26.19 -1.64
C VAL B 105 -7.51 26.40 -1.19
N ASN B 106 -8.47 26.21 -2.11
CA ASN B 106 -9.88 26.28 -1.78
C ASN B 106 -10.33 25.23 -0.78
N LEU B 107 -9.50 24.23 -0.46
CA LEU B 107 -9.88 23.28 0.56
C LEU B 107 -9.84 23.93 1.94
N ASP B 108 -10.63 23.38 2.83
CA ASP B 108 -10.57 23.70 4.28
C ASP B 108 -9.08 23.82 4.65
N LEU B 109 -8.75 24.80 5.44
CA LEU B 109 -7.36 25.03 5.80
C LEU B 109 -6.79 23.87 6.59
N ASN B 110 -7.59 23.30 7.51
CA ASN B 110 -7.12 22.18 8.32
C ASN B 110 -6.90 20.94 7.46
N ASP B 111 -7.76 20.72 6.46
CA ASP B 111 -7.54 19.59 5.57
C ASP B 111 -6.25 19.79 4.78
N GLN B 112 -6.00 21.02 4.33
CA GLN B 112 -4.72 21.33 3.70
C GLN B 112 -3.56 20.89 4.57
N VAL B 113 -3.58 21.30 5.85
CA VAL B 113 -2.48 20.97 6.74
C VAL B 113 -2.40 19.47 6.91
N THR B 114 -3.54 18.80 6.97
CA THR B 114 -3.57 17.36 7.19
C THR B 114 -3.01 16.62 5.99
N LEU B 115 -3.44 17.00 4.79
CA LEU B 115 -2.93 16.39 3.57
C LEU B 115 -1.40 16.54 3.49
N LEU B 116 -0.88 17.72 3.84
CA LEU B 116 0.57 17.92 3.75
C LEU B 116 1.29 17.13 4.84
N LYS B 117 0.76 17.17 6.06
CA LYS B 117 1.40 16.48 7.17
C LYS B 117 1.58 14.98 6.89
N TYR B 118 0.55 14.32 6.35
CA TYR B 118 0.63 12.87 6.12
C TYR B 118 1.16 12.54 4.76
N GLY B 119 1.43 13.53 3.91
CA GLY B 119 1.82 13.24 2.54
C GLY B 119 3.28 13.51 2.23
N VAL B 120 3.95 14.30 3.08
CA VAL B 120 5.30 14.77 2.78
C VAL B 120 6.28 13.61 2.77
N HIS B 121 6.10 12.64 3.67
CA HIS B 121 7.03 11.53 3.69
C HIS B 121 6.92 10.68 2.43
N GLU B 122 5.69 10.45 1.95
CA GLU B 122 5.52 9.68 0.72
C GLU B 122 6.19 10.37 -0.45
N ILE B 123 6.03 11.71 -0.54
CA ILE B 123 6.59 12.46 -1.66
C ILE B 123 8.11 12.54 -1.56
N ILE B 124 8.61 12.60 -0.32
CA ILE B 124 10.05 12.67 -0.11
C ILE B 124 10.72 11.40 -0.64
N TYR B 125 10.19 10.22 -0.31
CA TYR B 125 10.81 8.99 -0.79
C TYR B 125 10.62 8.84 -2.28
N THR B 126 9.48 9.24 -2.80
CA THR B 126 9.29 9.30 -4.25
C THR B 126 10.39 10.13 -4.90
N MET B 127 10.67 11.32 -4.36
CA MET B 127 11.58 12.20 -5.06
C MET B 127 13.03 11.83 -4.79
N LEU B 128 13.31 11.28 -3.59
CA LEU B 128 14.61 10.68 -3.33
C LEU B 128 14.99 9.68 -4.43
N ALA B 129 14.02 8.91 -4.92
CA ALA B 129 14.33 7.96 -5.99
C ALA B 129 14.88 8.67 -7.22
N SER B 130 14.41 9.88 -7.50
CA SER B 130 14.98 10.66 -8.59
C SER B 130 16.47 10.90 -8.41
N LEU B 131 16.96 10.92 -7.17
CA LEU B 131 18.35 11.24 -6.89
C LEU B 131 19.21 10.01 -6.66
N MET B 132 18.64 8.82 -6.76
CA MET B 132 19.31 7.58 -6.40
C MET B 132 19.57 6.73 -7.64
N ASN B 133 20.64 5.95 -7.58
CA ASN B 133 20.77 4.75 -8.39
C ASN B 133 21.16 3.62 -7.46
N LYS B 134 21.37 2.43 -8.04
CA LYS B 134 21.75 1.27 -7.24
C LYS B 134 23.03 1.50 -6.45
N ASP B 135 23.85 2.49 -6.82
CA ASP B 135 25.15 2.69 -6.18
C ASP B 135 25.22 3.86 -5.20
N GLY B 136 24.26 4.78 -5.20
CA GLY B 136 24.32 5.88 -4.24
C GLY B 136 23.31 6.96 -4.56
N VAL B 137 23.47 8.11 -3.87
CA VAL B 137 22.46 9.15 -3.86
C VAL B 137 23.11 10.53 -3.98
N LEU B 138 22.58 11.35 -4.89
CA LEU B 138 22.97 12.75 -5.00
C LEU B 138 22.60 13.52 -3.75
N ILE B 139 23.53 14.35 -3.26
CA ILE B 139 23.30 15.19 -2.11
C ILE B 139 23.68 16.63 -2.44
N SER B 140 23.43 17.52 -1.47
CA SER B 140 23.53 18.98 -1.57
C SER B 140 23.32 19.53 -2.98
N GLU B 141 22.10 19.41 -3.48
CA GLU B 141 21.67 19.91 -4.78
C GLU B 141 22.47 19.30 -5.93
N GLY B 142 23.08 18.14 -5.70
CA GLY B 142 23.80 17.45 -6.73
C GLY B 142 25.28 17.71 -6.73
N GLN B 143 25.76 18.57 -5.83
CA GLN B 143 27.20 18.79 -5.69
C GLN B 143 27.92 17.54 -5.19
N GLY B 144 27.18 16.59 -4.63
CA GLY B 144 27.78 15.46 -3.98
C GLY B 144 27.13 14.16 -4.42
N PHE B 145 27.77 13.06 -4.06
CA PHE B 145 27.25 11.72 -4.30
C PHE B 145 27.73 10.86 -3.16
N MET B 146 26.83 10.47 -2.28
CA MET B 146 27.19 9.61 -1.17
C MET B 146 26.90 8.17 -1.56
N THR B 147 27.90 7.30 -1.41
CA THR B 147 27.75 5.95 -1.92
C THR B 147 26.83 5.15 -1.02
N ARG B 148 26.10 4.23 -1.64
CA ARG B 148 25.22 3.35 -0.87
C ARG B 148 26.01 2.48 0.09
N GLU B 149 27.21 2.06 -0.30
CA GLU B 149 28.04 1.23 0.57
C GLU B 149 28.45 1.99 1.82
N PHE B 150 28.82 3.26 1.66
CA PHE B 150 29.25 4.02 2.83
C PHE B 150 28.09 4.28 3.79
N LEU B 151 26.86 4.44 3.29
CA LEU B 151 25.70 4.53 4.17
C LEU B 151 25.46 3.22 4.91
N LYS B 152 25.65 2.09 4.22
CA LYS B 152 25.52 0.79 4.89
C LYS B 152 26.60 0.60 5.95
N SER B 153 27.79 1.20 5.76
CA SER B 153 28.89 1.03 6.68
C SER B 153 28.68 1.79 7.99
N LEU B 154 27.64 2.61 8.07
CA LEU B 154 27.36 3.31 9.32
C LEU B 154 26.92 2.33 10.39
N ARG B 155 27.26 2.62 11.63
CA ARG B 155 26.97 1.73 12.73
C ARG B 155 25.47 1.64 12.99
N LYS B 156 25.06 0.53 13.60
CA LYS B 156 23.68 0.32 13.99
C LYS B 156 23.21 1.49 14.88
N PRO B 157 21.95 1.96 14.71
CA PRO B 157 20.94 1.55 13.74
C PRO B 157 21.04 2.28 12.40
N PHE B 158 22.04 3.17 12.29
CA PHE B 158 22.08 4.13 11.20
C PHE B 158 22.45 3.49 9.86
N GLY B 159 23.21 2.41 9.89
CA GLY B 159 23.56 1.75 8.64
C GLY B 159 22.39 1.12 7.92
N ASP B 160 21.22 1.05 8.56
CA ASP B 160 20.04 0.40 8.00
C ASP B 160 18.94 1.39 7.66
N PHE B 161 19.29 2.66 7.47
CA PHE B 161 18.26 3.68 7.38
C PHE B 161 17.96 4.05 5.92
N MET B 162 19.01 4.22 5.12
CA MET B 162 18.81 4.52 3.70
C MET B 162 18.62 3.29 2.84
N GLU B 163 19.11 2.12 3.30
CA GLU B 163 19.00 0.90 2.51
C GLU B 163 17.58 0.61 2.04
N PRO B 164 16.55 0.63 2.89
CA PRO B 164 15.18 0.48 2.37
C PRO B 164 14.84 1.51 1.30
N LYS B 165 15.31 2.76 1.43
CA LYS B 165 15.04 3.76 0.39
C LYS B 165 15.72 3.42 -0.92
N PHE B 166 16.94 2.89 -0.86
CA PHE B 166 17.62 2.45 -2.08
C PHE B 166 16.86 1.32 -2.74
N GLU B 167 16.44 0.34 -1.94
CA GLU B 167 15.69 -0.81 -2.48
C GLU B 167 14.42 -0.36 -3.17
N PHE B 168 13.69 0.58 -2.55
CA PHE B 168 12.52 1.15 -3.22
C PHE B 168 12.91 1.88 -4.49
N ALA B 169 13.98 2.67 -4.45
CA ALA B 169 14.31 3.50 -5.59
C ALA B 169 14.62 2.65 -6.83
N VAL B 170 15.50 1.64 -6.67
CA VAL B 170 15.84 0.84 -7.85
C VAL B 170 14.58 0.26 -8.48
N LYS B 171 13.68 -0.26 -7.68
CA LYS B 171 12.42 -0.74 -8.23
C LYS B 171 11.61 0.41 -8.82
N PHE B 172 11.45 1.50 -8.06
CA PHE B 172 10.64 2.61 -8.56
C PHE B 172 11.23 3.20 -9.84
N ASN B 173 12.56 3.31 -9.91
CA ASN B 173 13.18 3.87 -11.11
C ASN B 173 13.07 2.97 -12.33
N ALA B 174 12.84 1.65 -12.15
CA ALA B 174 12.63 0.76 -13.30
C ALA B 174 11.38 1.13 -14.09
N LEU B 175 10.49 1.93 -13.51
CA LEU B 175 9.36 2.41 -14.28
C LEU B 175 9.76 3.51 -15.24
N GLU B 176 10.93 4.10 -15.07
CA GLU B 176 11.46 5.11 -15.99
C GLU B 176 10.49 6.28 -16.16
N LEU B 177 9.85 6.68 -15.07
CA LEU B 177 9.02 7.89 -15.12
C LEU B 177 9.90 9.11 -15.37
N ASP B 178 9.32 10.14 -15.96
CA ASP B 178 10.00 11.43 -16.04
C ASP B 178 9.24 12.46 -15.21
N ASP B 179 9.84 13.65 -15.13
CA ASP B 179 9.31 14.74 -14.32
C ASP B 179 7.85 15.04 -14.63
N SER B 180 7.47 15.03 -15.91
CA SER B 180 6.08 15.29 -16.27
C SER B 180 5.13 14.21 -15.71
N ASP B 181 5.56 12.94 -15.70
CA ASP B 181 4.79 11.91 -15.01
C ASP B 181 4.79 12.17 -13.51
N LEU B 182 5.97 12.44 -12.94
CA LEU B 182 6.10 12.55 -11.50
C LEU B 182 5.31 13.72 -10.93
N ALA B 183 5.20 14.82 -11.70
CA ALA B 183 4.43 15.97 -11.23
C ALA B 183 2.99 15.59 -10.94
N ILE B 184 2.35 14.85 -11.86
CA ILE B 184 0.96 14.43 -11.64
C ILE B 184 0.88 13.38 -10.52
N PHE B 185 1.80 12.41 -10.52
CA PHE B 185 1.83 11.40 -9.46
C PHE B 185 1.92 12.02 -8.07
N ILE B 186 2.83 12.98 -7.90
CA ILE B 186 3.01 13.60 -6.60
C ILE B 186 1.75 14.31 -6.16
N ALA B 187 1.07 14.95 -7.10
CA ALA B 187 -0.22 15.58 -6.82
C ALA B 187 -1.26 14.56 -6.35
N VAL B 188 -1.33 13.40 -7.05
CA VAL B 188 -2.22 12.31 -6.63
C VAL B 188 -1.96 11.96 -5.17
N ILE B 189 -0.70 11.81 -4.81
CA ILE B 189 -0.35 11.45 -3.44
C ILE B 189 -0.85 12.49 -2.45
N ILE B 190 -0.67 13.79 -2.76
CA ILE B 190 -1.07 14.81 -1.81
C ILE B 190 -2.58 14.74 -1.55
N LEU B 191 -3.37 14.60 -2.61
CA LEU B 191 -4.83 14.63 -2.49
C LEU B 191 -5.39 13.27 -2.11
N SER B 192 -4.90 12.68 -1.02
CA SER B 192 -5.36 11.37 -0.58
C SER B 192 -6.49 11.58 0.41
N GLY B 193 -7.68 11.11 0.07
CA GLY B 193 -8.85 11.33 0.89
C GLY B 193 -8.96 10.43 2.10
N ASP B 194 -7.99 9.55 2.32
CA ASP B 194 -8.03 8.61 3.42
C ASP B 194 -7.07 8.99 4.54
N ARG B 195 -6.58 10.23 4.55
CA ARG B 195 -5.73 10.66 5.65
C ARG B 195 -6.58 10.82 6.91
N PRO B 196 -6.07 10.42 8.06
CA PRO B 196 -6.84 10.62 9.30
C PRO B 196 -7.13 12.10 9.57
N GLY B 197 -8.31 12.35 10.12
CA GLY B 197 -8.69 13.67 10.59
C GLY B 197 -9.26 14.60 9.55
N LEU B 198 -9.49 14.14 8.32
CA LEU B 198 -9.99 15.06 7.32
C LEU B 198 -11.44 15.44 7.61
N LEU B 199 -11.83 16.63 7.16
CA LEU B 199 -13.13 17.20 7.49
C LEU B 199 -14.09 17.21 6.32
N ASN B 200 -13.59 17.40 5.09
CA ASN B 200 -14.44 17.45 3.92
C ASN B 200 -13.77 16.61 2.83
N VAL B 201 -13.95 15.29 2.90
CA VAL B 201 -13.27 14.36 1.99
C VAL B 201 -13.71 14.55 0.54
N LYS B 202 -14.95 14.98 0.31
CA LYS B 202 -15.49 14.97 -1.06
C LYS B 202 -14.69 15.79 -2.04
N PRO B 203 -14.34 17.06 -1.77
CA PRO B 203 -13.61 17.83 -2.79
C PRO B 203 -12.18 17.36 -2.92
N ILE B 204 -11.63 16.72 -1.89
CA ILE B 204 -10.32 16.11 -1.96
C ILE B 204 -10.32 14.97 -2.97
N GLU B 205 -11.23 14.01 -2.80
CA GLU B 205 -11.30 12.90 -3.77
C GLU B 205 -11.75 13.40 -5.14
N ASP B 206 -12.61 14.43 -5.19
CA ASP B 206 -12.98 14.98 -6.49
C ASP B 206 -11.76 15.50 -7.23
N ILE B 207 -10.78 16.04 -6.50
CA ILE B 207 -9.58 16.53 -7.16
C ILE B 207 -8.65 15.37 -7.52
N GLN B 208 -8.49 14.41 -6.61
CA GLN B 208 -7.64 13.27 -6.91
C GLN B 208 -8.18 12.47 -8.09
N ASP B 209 -9.49 12.23 -8.13
CA ASP B 209 -10.10 11.61 -9.30
C ASP B 209 -9.71 12.37 -10.57
N ASN B 210 -9.74 13.69 -10.51
CA ASN B 210 -9.36 14.51 -11.65
C ASN B 210 -7.85 14.40 -11.95
N LEU B 211 -7.00 14.42 -10.92
CA LEU B 211 -5.57 14.17 -11.12
C LEU B 211 -5.29 12.75 -11.61
N LEU B 212 -6.08 11.78 -11.16
CA LEU B 212 -5.87 10.39 -11.59
C LEU B 212 -6.16 10.22 -13.08
N GLN B 213 -7.24 10.86 -13.58
CA GLN B 213 -7.48 10.91 -15.02
C GLN B 213 -6.33 11.59 -15.75
N ALA B 214 -5.82 12.68 -15.21
CA ALA B 214 -4.72 13.37 -15.89
C ALA B 214 -3.50 12.48 -15.94
N LEU B 215 -3.27 11.70 -14.87
CA LEU B 215 -2.07 10.86 -14.81
C LEU B 215 -2.15 9.72 -15.82
N GLU B 216 -3.30 9.06 -15.90
CA GLU B 216 -3.40 7.91 -16.78
C GLU B 216 -3.35 8.32 -18.25
N LEU B 217 -3.88 9.49 -18.60
CA LEU B 217 -3.72 9.99 -19.96
C LEU B 217 -2.26 10.36 -20.23
N GLN B 218 -1.60 10.98 -19.26
CA GLN B 218 -0.18 11.29 -19.37
C GLN B 218 0.66 10.03 -19.63
N LEU B 219 0.45 8.99 -18.82
CA LEU B 219 1.23 7.77 -18.96
C LEU B 219 0.98 7.08 -20.29
N LYS B 220 -0.25 7.19 -20.80
CA LYS B 220 -0.60 6.54 -22.06
C LYS B 220 0.04 7.27 -23.24
N LEU B 221 -0.02 8.60 -23.26
CA LEU B 221 0.62 9.35 -24.34
C LEU B 221 2.13 9.28 -24.25
N ASN B 222 2.69 9.33 -23.05
CA ASN B 222 4.13 9.41 -22.85
C ASN B 222 4.78 8.05 -22.70
N HIS B 223 4.01 7.00 -22.48
CA HIS B 223 4.60 5.67 -22.37
C HIS B 223 3.66 4.68 -23.04
N PRO B 224 3.37 4.86 -24.33
CA PRO B 224 2.33 4.03 -24.97
C PRO B 224 2.67 2.56 -24.99
N GLU B 225 3.94 2.22 -24.90
CA GLU B 225 4.35 0.82 -24.91
C GLU B 225 4.45 0.20 -23.52
N SER B 226 4.28 1.00 -22.46
CA SER B 226 4.46 0.53 -21.08
C SER B 226 3.09 0.09 -20.59
N SER B 227 2.81 -1.21 -20.75
CA SER B 227 1.45 -1.70 -20.52
C SER B 227 1.06 -1.62 -19.05
N GLN B 228 -0.12 -1.06 -18.79
CA GLN B 228 -0.69 -1.00 -17.45
C GLN B 228 0.24 -0.27 -16.47
N LEU B 229 1.10 0.61 -16.98
CA LEU B 229 1.97 1.43 -16.13
C LEU B 229 1.17 2.20 -15.08
N PHE B 230 0.04 2.78 -15.48
CA PHE B 230 -0.84 3.44 -14.53
C PHE B 230 -1.13 2.55 -13.33
N ALA B 231 -1.61 1.33 -13.59
CA ALA B 231 -1.88 0.37 -12.53
C ALA B 231 -0.63 0.10 -11.70
N LYS B 232 0.50 -0.12 -12.37
CA LYS B 232 1.74 -0.41 -11.65
C LYS B 232 2.19 0.77 -10.80
N LEU B 233 2.02 1.99 -11.30
CA LEU B 233 2.37 3.16 -10.49
C LEU B 233 1.51 3.25 -9.24
N LEU B 234 0.21 2.96 -9.35
CA LEU B 234 -0.65 2.98 -8.17
C LEU B 234 -0.23 1.92 -7.17
N GLN B 235 0.20 0.76 -7.64
CA GLN B 235 0.69 -0.30 -6.78
C GLN B 235 1.89 0.17 -5.97
N LYS B 236 2.74 1.01 -6.58
CA LYS B 236 3.88 1.53 -5.83
C LYS B 236 3.46 2.34 -4.62
N MET B 237 2.29 2.97 -4.64
CA MET B 237 1.86 3.68 -3.46
C MET B 237 1.68 2.76 -2.26
N THR B 238 1.51 1.45 -2.51
CA THR B 238 1.66 0.48 -1.44
C THR B 238 3.09 0.46 -0.93
N ASP B 239 4.05 0.38 -1.85
CA ASP B 239 5.45 0.40 -1.47
C ASP B 239 5.82 1.69 -0.73
N LEU B 240 5.17 2.80 -1.05
CA LEU B 240 5.50 4.04 -0.37
C LEU B 240 5.01 4.01 1.07
N ARG B 241 3.71 3.74 1.26
CA ARG B 241 3.19 3.74 2.62
C ARG B 241 3.92 2.73 3.50
N GLN B 242 4.39 1.63 2.93
CA GLN B 242 5.11 0.65 3.72
C GLN B 242 6.46 1.20 4.18
N ILE B 243 7.19 1.85 3.27
CA ILE B 243 8.43 2.53 3.65
C ILE B 243 8.19 3.50 4.79
N VAL B 244 7.09 4.24 4.74
CA VAL B 244 6.89 5.32 5.70
C VAL B 244 6.62 4.76 7.10
N THR B 245 5.76 3.75 7.19
CA THR B 245 5.51 3.12 8.48
C THR B 245 6.79 2.59 9.11
N GLU B 246 7.63 1.94 8.31
CA GLU B 246 8.88 1.43 8.87
C GLU B 246 9.92 2.52 9.08
N HIS B 247 9.75 3.67 8.43
CA HIS B 247 10.65 4.77 8.71
C HIS B 247 10.31 5.39 10.05
N VAL B 248 9.03 5.58 10.32
CA VAL B 248 8.57 6.07 11.62
C VAL B 248 9.09 5.20 12.75
N GLN B 249 9.08 3.88 12.55
CA GLN B 249 9.49 2.98 13.62
C GLN B 249 11.00 2.99 13.83
N LEU B 250 11.79 3.28 12.80
CA LEU B 250 13.22 3.45 13.03
C LEU B 250 13.49 4.69 13.86
N LEU B 251 12.80 5.80 13.56
CA LEU B 251 12.95 7.01 14.38
C LEU B 251 12.61 6.74 15.85
N GLN B 252 11.69 5.81 16.12
CA GLN B 252 11.45 5.43 17.51
C GLN B 252 12.73 4.89 18.14
N VAL B 253 13.26 3.79 17.60
CA VAL B 253 14.50 3.19 18.07
C VAL B 253 15.70 4.14 18.03
N ILE B 254 15.53 5.35 17.51
CA ILE B 254 16.66 6.30 17.53
C ILE B 254 16.71 7.08 18.84
N LYS B 255 15.62 7.15 19.60
CA LYS B 255 15.69 7.71 20.94
C LYS B 255 16.40 6.76 21.89
N LYS B 256 17.06 5.72 21.33
CA LYS B 256 17.98 4.86 22.09
C LYS B 256 19.42 5.31 21.93
N THR B 257 19.74 6.04 20.85
CA THR B 257 20.96 6.82 20.71
C THR B 257 20.67 8.32 20.84
N GLU B 258 19.70 8.65 21.70
CA GLU B 258 19.41 10.02 22.06
C GLU B 258 20.48 10.57 23.01
N THR B 259 21.27 9.69 23.62
CA THR B 259 22.40 10.05 24.46
C THR B 259 23.62 10.52 23.67
N PRO B 265 18.13 22.24 22.58
CA PRO B 265 16.77 22.48 22.10
C PRO B 265 16.78 23.57 21.05
N LEU B 266 15.60 24.12 20.76
CA LEU B 266 15.36 25.05 19.64
C LEU B 266 15.56 24.32 18.32
N LEU B 267 16.73 23.71 18.10
CA LEU B 267 16.91 22.85 16.94
C LEU B 267 15.92 21.69 16.98
N GLN B 268 15.76 21.09 18.16
CA GLN B 268 14.74 20.06 18.36
C GLN B 268 13.35 20.54 17.94
N GLU B 269 13.03 21.81 18.23
CA GLU B 269 11.72 22.33 17.84
C GLU B 269 11.59 22.49 16.34
N ILE B 270 12.69 22.75 15.65
CA ILE B 270 12.62 22.90 14.19
C ILE B 270 12.29 21.58 13.52
N TYR B 271 12.77 20.46 14.06
CA TYR B 271 12.48 19.15 13.52
C TYR B 271 11.34 18.43 14.22
N LYS B 272 10.82 18.99 15.32
CA LYS B 272 9.64 18.46 16.03
C LYS B 272 9.59 16.94 16.16
C9 GW9 C . -9.74 -14.85 12.82
C10 GW9 C . -8.86 -15.21 13.78
C11 GW9 C . -7.72 -15.85 13.41
C12 GW9 C . -7.39 -16.16 12.11
N2 GW9 C . -6.23 -16.84 11.82
O3 GW9 C . -5.92 -17.70 12.85
O2 GW9 C . -5.62 -16.72 10.77
C13 GW9 C . -8.23 -15.86 11.10
C8 GW9 C . -9.37 -15.21 11.44
C1 GW9 C . -10.23 -14.91 10.33
O1 GW9 C . -10.16 -13.78 9.94
N1 GW9 C . -10.92 -15.97 9.91
C2 GW9 C . -11.92 -15.95 9.06
C7 GW9 C . -11.71 -16.32 7.76
C6 GW9 C . -12.71 -16.29 6.83
C5 GW9 C . -13.94 -15.87 7.26
C4 GW9 C . -14.16 -15.51 8.56
C3 GW9 C . -13.15 -15.55 9.49
C1 ACD D . -15.44 -14.17 12.09
C2 ACD D . -15.41 -14.13 13.59
C3 ACD D . -15.54 -15.54 14.15
C4 ACD D . -17.00 -15.97 14.19
C5 ACD D . -17.09 -17.47 14.08
C6 ACD D . -16.31 -18.13 13.22
C7 ACD D . -16.39 -19.62 13.11
C8 ACD D . -16.99 -20.00 11.77
C9 ACD D . -17.60 -19.08 11.04
C10 ACD D . -18.21 -19.45 9.70
C11 ACD D . -17.54 -18.64 8.61
C12 ACD D . -17.85 -18.87 7.34
C13 ACD D . -18.84 -19.95 6.99
C14 ACD D . -18.36 -21.27 7.50
C15 ACD D . -18.37 -22.35 6.72
C16 ACD D . -17.89 -23.67 7.23
C17 ACD D . -17.34 -23.50 8.64
C18 ACD D . -18.46 -23.37 9.66
C19 ACD D . -17.97 -22.70 10.94
C20 ACD D . -19.13 -22.38 11.86
O1 ACD D . -15.81 -13.15 11.47
O2 ACD D . -15.10 -15.23 11.51
C9 GW9 E . 16.49 11.59 6.37
C10 GW9 E . 16.48 11.53 7.76
C11 GW9 E . 15.30 11.75 8.46
C12 GW9 E . 14.13 12.03 7.77
N2 GW9 E . 12.89 12.28 8.49
O3 GW9 E . 12.93 12.54 9.88
O2 GW9 E . 11.87 12.28 7.92
C13 GW9 E . 14.14 12.08 6.38
C8 GW9 E . 15.31 11.86 5.67
C1 GW9 E . 15.33 11.97 4.13
O1 GW9 E . 15.02 11.05 3.43
N1 GW9 E . 15.73 13.26 3.58
C2 GW9 E . 15.83 13.67 2.19
C7 GW9 E . 14.79 14.38 1.60
C6 GW9 E . 14.85 14.81 0.29
C5 GW9 E . 15.98 14.53 -0.46
C4 GW9 E . 17.02 13.82 0.13
C3 GW9 E . 16.96 13.40 1.45
C1 ACD F . 20.55 11.56 1.82
C2 ACD F . 21.96 11.39 2.31
C3 ACD F . 22.01 11.58 3.83
C4 ACD F . 23.09 12.57 4.22
C5 ACD F . 22.56 13.97 4.08
C6 ACD F . 22.65 14.61 2.92
C7 ACD F . 22.11 16.01 2.78
C8 ACD F . 20.60 15.97 2.67
C9 ACD F . 20.00 16.43 1.58
C10 ACD F . 20.83 16.98 0.44
C11 ACD F . 19.97 17.08 -0.80
C12 ACD F . 20.11 18.13 -1.61
C13 ACD F . 21.13 19.20 -1.28
C14 ACD F . 20.52 20.19 -0.31
C15 ACD F . 21.02 21.42 -0.21
C16 ACD F . 20.43 22.40 0.77
C17 ACD F . 20.10 21.69 2.07
C18 ACD F . 21.20 20.71 2.45
C19 ACD F . 20.65 19.29 2.58
C20 ACD F . 20.98 18.70 3.93
O1 ACD F . 20.35 11.68 0.60
O2 ACD F . 19.63 11.56 2.68
#